data_6KZI
#
_entry.id   6KZI
#
_cell.length_a   98.925
_cell.length_b   98.925
_cell.length_c   80.830
_cell.angle_alpha   90.000
_cell.angle_beta   90.000
_cell.angle_gamma   120.000
#
_symmetry.space_group_name_H-M   'P 65'
#
loop_
_entity.id
_entity.type
_entity.pdbx_description
1 polymer 'Serine/threonine-protein kinase pim-1'
2 non-polymer 4-(2-chloro-10H-phenoxazin-10-yl)-N,N-diethylbutan-1-amine
#
_entity_poly.entity_id   1
_entity_poly.type   'polypeptide(L)'
_entity_poly.pdbx_seq_one_letter_code
;GPHMKEKEPLESQYQVGPLLGSGGFGSVYSGIRVSDNLPVAIKHVEKDRISDWGELPNGTRVPMEVVLLKKVSSGFSGVI
RLLDWFERPDSFVLILERPEPVQDLFDFITERGALQEELARSFFWQVLEAVRHCHNCGVLHRDIKDENILIDLNRGELKL
IDFGSGALLKDTVYTDFDGTRVYSPPEWIRYHRYHGRSAAVWSLGILLYDMVCGDIPFEHDEEIIRGQVFFRQRVS
(SEP)ECQHLIRWCLALRPSDRPTFEEIQNHPWMQDVLLPQETAEIHLHSLSPGPSK
;
_entity_poly.pdbx_strand_id   A
#
loop_
_chem_comp.id
_chem_comp.type
_chem_comp.name
_chem_comp.formula
RTX non-polymer 4-(2-chloro-10H-phenoxazin-10-yl)-N,N-diethylbutan-1-amine 'C20 H25 Cl N2 O'
#
# COMPACT_ATOMS: atom_id res chain seq x y z
N PRO A 9 12.83 27.59 -6.50
CA PRO A 9 12.94 27.69 -5.04
C PRO A 9 13.15 26.36 -4.32
N LEU A 10 13.12 25.23 -5.04
CA LEU A 10 13.09 23.90 -4.42
C LEU A 10 14.40 23.49 -3.73
N GLU A 11 15.53 23.72 -4.41
CA GLU A 11 16.86 23.22 -3.97
C GLU A 11 17.36 24.04 -2.77
N SER A 12 16.75 25.21 -2.55
CA SER A 12 16.97 26.07 -1.38
C SER A 12 16.13 25.66 -0.13
N GLN A 13 14.90 25.18 -0.37
CA GLN A 13 13.91 24.96 0.69
C GLN A 13 13.92 23.58 1.41
N TYR A 14 14.54 22.58 0.79
CA TYR A 14 14.74 21.24 1.36
C TYR A 14 16.21 20.85 1.25
N GLN A 15 16.74 20.18 2.28
CA GLN A 15 18.10 19.70 2.21
C GLN A 15 18.26 18.20 1.88
N VAL A 16 18.71 17.96 0.66
CA VAL A 16 18.86 16.61 0.10
C VAL A 16 19.90 15.80 0.88
N GLY A 17 19.59 14.52 1.08
CA GLY A 17 20.55 13.55 1.53
C GLY A 17 20.61 12.27 0.68
N PRO A 18 20.87 11.14 1.33
CA PRO A 18 21.08 9.87 0.66
C PRO A 18 19.93 9.42 -0.23
N LEU A 19 20.23 8.58 -1.23
CA LEU A 19 19.19 7.91 -1.98
C LEU A 19 18.54 6.78 -1.13
N LEU A 20 17.23 6.85 -0.87
CA LEU A 20 16.51 5.76 -0.18
C LEU A 20 16.12 4.62 -1.08
N GLY A 21 15.88 4.89 -2.34
CA GLY A 21 15.41 3.84 -3.22
C GLY A 21 15.13 4.35 -4.62
N SER A 22 15.03 3.40 -5.54
CA SER A 22 14.66 3.72 -6.89
C SER A 22 14.10 2.48 -7.54
N GLY A 23 13.23 2.69 -8.50
CA GLY A 23 12.50 1.57 -9.09
C GLY A 23 11.59 2.21 -10.09
N GLY A 24 10.47 1.53 -10.40
CA GLY A 24 9.44 2.05 -11.32
C GLY A 24 8.72 3.34 -10.89
N PHE A 25 8.88 3.72 -9.64
CA PHE A 25 8.31 4.92 -9.06
C PHE A 25 9.23 6.15 -9.18
N GLY A 26 10.43 5.96 -9.72
CA GLY A 26 11.47 7.01 -9.73
C GLY A 26 12.57 6.80 -8.71
N SER A 27 13.12 7.91 -8.23
CA SER A 27 14.24 7.89 -7.32
C SER A 27 13.85 8.68 -6.08
N VAL A 28 13.82 8.05 -4.93
CA VAL A 28 13.48 8.73 -3.68
C VAL A 28 14.76 8.98 -2.94
N TYR A 29 14.89 10.19 -2.39
CA TYR A 29 16.02 10.62 -1.57
C TYR A 29 15.54 11.09 -0.23
N SER A 30 16.44 10.99 0.77
CA SER A 30 16.13 11.44 2.13
C SER A 30 16.29 12.90 2.09
N GLY A 31 15.58 13.59 2.98
CA GLY A 31 15.46 15.03 2.93
C GLY A 31 15.10 15.61 4.28
N ILE A 32 15.44 16.89 4.45
CA ILE A 32 15.08 17.62 5.66
C ILE A 32 14.52 18.94 5.17
N ARG A 33 13.35 19.32 5.64
CA ARG A 33 12.79 20.63 5.34
C ARG A 33 13.55 21.64 6.18
N VAL A 34 14.01 22.72 5.55
CA VAL A 34 14.85 23.74 6.21
C VAL A 34 14.03 24.58 7.20
N SER A 35 12.81 24.95 6.80
CA SER A 35 11.85 25.64 7.67
C SER A 35 11.82 25.12 9.11
N ASP A 36 11.75 23.81 9.31
CA ASP A 36 11.47 23.28 10.65
C ASP A 36 12.01 21.88 10.87
N ASN A 37 13.16 21.59 10.24
CA ASN A 37 13.86 20.30 10.33
C ASN A 37 13.04 19.02 10.12
N LEU A 38 11.94 19.13 9.39
CA LEU A 38 11.02 18.01 9.27
C LEU A 38 11.66 17.04 8.33
N PRO A 39 11.70 15.76 8.70
CA PRO A 39 12.24 14.81 7.77
C PRO A 39 11.21 14.57 6.63
N VAL A 40 11.69 14.37 5.40
CA VAL A 40 10.85 14.18 4.24
C VAL A 40 11.50 13.24 3.24
N ALA A 41 10.69 12.78 2.28
CA ALA A 41 11.18 12.00 1.15
C ALA A 41 11.00 12.85 -0.09
N ILE A 42 12.02 12.86 -0.96
CA ILE A 42 11.93 13.59 -2.19
C ILE A 42 11.92 12.61 -3.34
N LYS A 43 10.87 12.64 -4.16
CA LYS A 43 10.67 11.64 -5.18
C LYS A 43 10.63 12.31 -6.52
N HIS A 44 11.58 11.92 -7.35
CA HIS A 44 11.78 12.48 -8.65
C HIS A 44 11.26 11.48 -9.62
N VAL A 45 10.49 11.94 -10.59
CA VAL A 45 9.96 11.09 -11.66
C VAL A 45 10.20 11.76 -12.99
N GLU A 46 10.75 11.05 -13.98
CA GLU A 46 10.95 11.68 -15.29
C GLU A 46 9.58 11.81 -16.00
N LYS A 47 9.35 12.97 -16.62
CA LYS A 47 8.15 13.21 -17.44
C LYS A 47 7.95 12.18 -18.53
N ASP A 48 9.04 11.82 -19.21
CA ASP A 48 9.02 10.76 -20.24
C ASP A 48 8.40 9.45 -19.76
N ARG A 49 8.67 9.07 -18.52
CA ARG A 49 8.21 7.78 -18.00
C ARG A 49 6.92 7.88 -17.18
N ILE A 50 6.06 8.87 -17.43
CA ILE A 50 4.70 8.90 -16.85
C ILE A 50 3.66 8.52 -17.90
N SER A 51 3.04 7.35 -17.77
CA SER A 51 2.00 6.92 -18.72
C SER A 51 0.63 7.48 -18.38
N ASP A 52 0.35 7.74 -17.09
CA ASP A 52 -0.98 8.29 -16.69
C ASP A 52 -1.00 9.66 -16.00
N TRP A 53 -1.67 10.61 -16.64
CA TRP A 53 -1.84 11.98 -16.19
C TRP A 53 -3.28 12.26 -15.80
N GLY A 54 -3.45 13.41 -15.16
CA GLY A 54 -4.75 13.87 -14.71
C GLY A 54 -4.70 15.38 -14.63
N GLU A 55 -5.59 15.96 -13.82
CA GLU A 55 -5.72 17.39 -13.70
C GLU A 55 -6.40 17.71 -12.37
N LEU A 56 -5.85 18.66 -11.64
CA LEU A 56 -6.36 18.98 -10.28
C LEU A 56 -7.53 19.97 -10.36
N PRO A 57 -8.25 20.21 -9.22
CA PRO A 57 -9.20 21.33 -9.11
C PRO A 57 -8.84 22.63 -9.89
N ASN A 58 -7.77 23.35 -9.52
CA ASN A 58 -7.38 24.56 -10.30
C ASN A 58 -7.20 24.32 -11.85
N GLY A 59 -7.13 23.07 -12.28
CA GLY A 59 -7.27 22.69 -13.68
C GLY A 59 -5.98 22.57 -14.45
N THR A 60 -4.85 22.35 -13.77
CA THR A 60 -3.55 22.10 -14.47
C THR A 60 -3.21 20.62 -14.59
N ARG A 61 -2.42 20.32 -15.62
CA ARG A 61 -2.03 18.96 -16.03
C ARG A 61 -0.87 18.44 -15.17
N VAL A 62 -1.14 17.44 -14.34
CA VAL A 62 -0.14 16.84 -13.45
C VAL A 62 -0.20 15.30 -13.54
N PRO A 63 0.85 14.59 -13.02
CA PRO A 63 0.72 13.13 -12.98
C PRO A 63 -0.43 12.73 -12.08
N MET A 64 -1.07 11.62 -12.43
CA MET A 64 -2.24 11.18 -11.70
C MET A 64 -1.85 10.96 -10.24
N GLU A 65 -0.63 10.45 -10.01
CA GLU A 65 -0.17 10.23 -8.64
C GLU A 65 -0.42 11.47 -7.73
N VAL A 66 -0.14 12.65 -8.28
CA VAL A 66 -0.36 13.89 -7.52
C VAL A 66 -1.82 14.12 -7.24
N VAL A 67 -2.66 13.94 -8.26
CA VAL A 67 -4.14 14.03 -8.05
C VAL A 67 -4.60 13.17 -6.87
N LEU A 68 -4.24 11.89 -6.95
CA LEU A 68 -4.64 10.89 -5.97
C LEU A 68 -4.06 11.18 -4.58
N LEU A 69 -2.77 11.53 -4.51
CA LEU A 69 -2.17 11.95 -3.24
C LEU A 69 -2.88 13.13 -2.60
N LYS A 70 -3.31 14.09 -3.40
CA LYS A 70 -3.94 15.30 -2.88
C LYS A 70 -5.24 14.91 -2.28
N LYS A 71 -5.96 13.99 -2.92
CA LYS A 71 -7.26 13.52 -2.42
C LYS A 71 -7.20 12.75 -1.11
N VAL A 72 -6.04 12.15 -0.75
CA VAL A 72 -5.95 11.35 0.49
C VAL A 72 -5.11 11.99 1.59
N SER A 73 -4.60 13.19 1.32
CA SER A 73 -3.54 13.79 2.14
C SER A 73 -4.11 14.77 3.12
N SER A 74 -5.42 14.95 3.11
CA SER A 74 -6.08 15.73 4.17
C SER A 74 -6.30 14.98 5.47
N GLY A 75 -5.84 15.60 6.54
CA GLY A 75 -5.93 15.04 7.88
C GLY A 75 -4.98 13.89 8.08
N PHE A 76 -5.13 13.27 9.23
CA PHE A 76 -4.36 12.11 9.60
C PHE A 76 -5.00 10.89 8.96
N SER A 77 -4.15 10.13 8.29
CA SER A 77 -4.46 8.89 7.64
C SER A 77 -3.31 7.92 7.98
N GLY A 78 -3.46 6.67 7.54
CA GLY A 78 -2.34 5.76 7.44
C GLY A 78 -1.82 5.82 6.00
N VAL A 79 -1.71 7.02 5.45
CA VAL A 79 -1.15 7.20 4.14
C VAL A 79 -0.02 8.22 4.31
N ILE A 80 1.16 7.92 3.77
CA ILE A 80 2.22 8.91 3.64
C ILE A 80 1.67 9.98 2.75
N ARG A 81 1.68 11.18 3.31
CA ARG A 81 1.03 12.35 2.77
C ARG A 81 1.94 13.18 1.87
N LEU A 82 1.37 13.70 0.79
CA LEU A 82 2.06 14.68 -0.05
C LEU A 82 2.07 16.03 0.66
N LEU A 83 3.23 16.65 0.81
CA LEU A 83 3.34 17.98 1.44
C LEU A 83 3.43 19.10 0.42
N ASP A 84 4.10 18.81 -0.70
CA ASP A 84 4.29 19.79 -1.77
C ASP A 84 4.75 19.03 -3.01
N TRP A 85 4.77 19.72 -4.14
CA TRP A 85 5.38 19.18 -5.34
C TRP A 85 5.95 20.31 -6.20
N PHE A 86 6.83 19.94 -7.13
CA PHE A 86 7.45 20.89 -8.07
C PHE A 86 7.48 20.33 -9.47
N GLU A 87 7.30 21.19 -10.45
CA GLU A 87 7.53 20.81 -11.84
C GLU A 87 8.89 21.31 -12.28
N ARG A 88 9.64 20.46 -12.96
CA ARG A 88 10.91 20.83 -13.57
C ARG A 88 10.82 20.65 -15.07
N PRO A 89 11.83 21.13 -15.79
CA PRO A 89 11.79 20.93 -17.25
C PRO A 89 11.45 19.49 -17.67
N ASP A 90 12.15 18.47 -17.13
CA ASP A 90 11.86 17.07 -17.53
C ASP A 90 11.52 16.06 -16.43
N SER A 91 11.40 16.55 -15.21
CA SER A 91 10.99 15.75 -14.12
C SER A 91 9.85 16.43 -13.35
N PHE A 92 9.21 15.67 -12.49
CA PHE A 92 8.32 16.17 -11.42
C PHE A 92 8.84 15.67 -10.10
N VAL A 93 8.78 16.51 -9.09
CA VAL A 93 9.41 16.23 -7.83
C VAL A 93 8.37 16.36 -6.73
N LEU A 94 8.26 15.33 -5.90
CA LEU A 94 7.24 15.24 -4.89
C LEU A 94 7.88 15.25 -3.52
N ILE A 95 7.28 15.97 -2.60
CA ILE A 95 7.75 15.98 -1.24
C ILE A 95 6.71 15.23 -0.45
N LEU A 96 7.15 14.18 0.24
CA LEU A 96 6.28 13.34 1.03
C LEU A 96 6.73 13.29 2.48
N GLU A 97 5.90 12.77 3.37
CA GLU A 97 6.33 12.45 4.75
C GLU A 97 7.44 11.40 4.77
N ARG A 98 8.28 11.47 5.80
CA ARG A 98 9.25 10.43 6.13
C ARG A 98 9.25 10.13 7.62
N PRO A 99 8.72 8.97 7.99
CA PRO A 99 8.93 8.46 9.34
C PRO A 99 10.41 8.25 9.70
N GLU A 100 10.73 8.45 10.97
CA GLU A 100 12.11 8.30 11.47
C GLU A 100 12.10 7.60 12.85
N PRO A 101 12.62 6.38 13.01
CA PRO A 101 13.10 5.47 11.97
C PRO A 101 12.00 4.69 11.29
N VAL A 102 12.35 4.07 10.17
CA VAL A 102 11.41 3.45 9.25
C VAL A 102 11.92 2.18 8.61
N GLN A 103 10.99 1.30 8.22
CA GLN A 103 11.29 0.08 7.48
C GLN A 103 10.10 -0.42 6.66
N ASP A 104 10.32 -0.87 5.43
CA ASP A 104 9.21 -1.35 4.65
C ASP A 104 8.91 -2.76 5.15
N LEU A 105 7.66 -3.15 4.96
CA LEU A 105 7.21 -4.42 5.44
C LEU A 105 7.92 -5.58 4.75
N PHE A 106 8.25 -5.43 3.47
CA PHE A 106 9.02 -6.45 2.75
C PHE A 106 10.35 -6.76 3.41
N ASP A 107 11.10 -5.73 3.83
CA ASP A 107 12.39 -5.91 4.51
C ASP A 107 12.16 -6.47 5.88
N PHE A 108 11.10 -6.01 6.51
CA PHE A 108 10.80 -6.45 7.87
C PHE A 108 10.46 -7.93 7.85
N ILE A 109 9.61 -8.36 6.92
CA ILE A 109 9.30 -9.76 6.83
C ILE A 109 10.56 -10.54 6.38
N THR A 110 11.22 -10.06 5.34
CA THR A 110 12.46 -10.69 4.88
C THR A 110 13.45 -10.92 6.06
N GLU A 111 13.62 -9.94 6.95
CA GLU A 111 14.45 -10.09 8.16
C GLU A 111 13.90 -10.96 9.29
N ARG A 112 12.68 -10.70 9.75
CA ARG A 112 12.16 -11.40 10.92
C ARG A 112 11.36 -12.68 10.63
N GLY A 113 11.26 -13.06 9.36
CA GLY A 113 10.43 -14.21 8.96
C GLY A 113 8.96 -13.94 9.19
N ALA A 114 8.16 -14.98 9.06
CA ALA A 114 6.71 -14.85 9.30
C ALA A 114 6.41 -14.19 10.65
N LEU A 115 5.23 -13.58 10.79
CA LEU A 115 4.87 -12.71 11.89
C LEU A 115 3.94 -13.38 12.84
N GLN A 116 4.16 -13.19 14.14
CA GLN A 116 3.19 -13.64 15.11
C GLN A 116 1.84 -13.10 14.70
N GLU A 117 0.79 -13.88 14.96
CA GLU A 117 -0.57 -13.48 14.62
C GLU A 117 -0.98 -12.13 15.25
N GLU A 118 -0.59 -11.92 16.50
CA GLU A 118 -0.95 -10.70 17.19
C GLU A 118 -0.42 -9.48 16.42
N LEU A 119 0.81 -9.62 15.95
CA LEU A 119 1.47 -8.57 15.22
C LEU A 119 0.82 -8.35 13.85
N ALA A 120 0.56 -9.47 13.12
CA ALA A 120 -0.11 -9.43 11.82
C ALA A 120 -1.48 -8.79 11.91
N ARG A 121 -2.18 -9.06 13.01
CA ARG A 121 -3.48 -8.51 13.22
C ARG A 121 -3.42 -7.00 13.36
N SER A 122 -2.42 -6.48 14.06
CA SER A 122 -2.31 -5.04 14.22
C SER A 122 -2.00 -4.47 12.88
N PHE A 123 -0.99 -5.06 12.26
CA PHE A 123 -0.54 -4.55 10.96
C PHE A 123 -1.61 -4.58 9.91
N PHE A 124 -2.32 -5.71 9.82
CA PHE A 124 -3.32 -5.88 8.79
C PHE A 124 -4.51 -4.97 9.03
N TRP A 125 -5.00 -4.92 10.24
CA TRP A 125 -6.01 -3.93 10.62
C TRP A 125 -5.68 -2.51 10.17
N GLN A 126 -4.47 -2.09 10.46
CA GLN A 126 -4.04 -0.75 10.08
C GLN A 126 -4.06 -0.54 8.60
N VAL A 127 -3.66 -1.57 7.86
CA VAL A 127 -3.68 -1.49 6.41
C VAL A 127 -5.12 -1.26 5.96
N LEU A 128 -6.02 -2.07 6.50
CA LEU A 128 -7.43 -1.94 6.23
C LEU A 128 -8.02 -0.56 6.51
N GLU A 129 -7.64 0.02 7.63
CA GLU A 129 -8.05 1.41 7.92
C GLU A 129 -7.55 2.40 6.85
N ALA A 130 -6.29 2.28 6.46
CA ALA A 130 -5.71 3.12 5.37
C ALA A 130 -6.38 2.95 4.01
N VAL A 131 -6.69 1.70 3.66
CA VAL A 131 -7.29 1.41 2.39
C VAL A 131 -8.73 1.94 2.40
N ARG A 132 -9.45 1.70 3.49
CA ARG A 132 -10.74 2.35 3.69
C ARG A 132 -10.65 3.85 3.51
N HIS A 133 -9.65 4.46 4.10
CA HIS A 133 -9.50 5.91 3.96
C HIS A 133 -9.37 6.31 2.51
N CYS A 134 -8.48 5.64 1.78
CA CYS A 134 -8.31 5.90 0.36
C CYS A 134 -9.63 5.81 -0.39
N HIS A 135 -10.36 4.72 -0.16
CA HIS A 135 -11.62 4.47 -0.86
C HIS A 135 -12.61 5.54 -0.49
N ASN A 136 -12.63 5.86 0.78
CA ASN A 136 -13.48 6.89 1.24
C ASN A 136 -13.17 8.25 0.61
N CYS A 137 -11.94 8.52 0.21
CA CYS A 137 -11.59 9.75 -0.52
C CYS A 137 -11.67 9.63 -2.03
N GLY A 138 -12.24 8.54 -2.53
CA GLY A 138 -12.44 8.30 -3.97
C GLY A 138 -11.24 7.80 -4.72
N VAL A 139 -10.27 7.23 -3.99
CA VAL A 139 -9.04 6.68 -4.54
C VAL A 139 -8.96 5.15 -4.38
N LEU A 140 -8.51 4.51 -5.45
CA LEU A 140 -8.14 3.12 -5.46
C LEU A 140 -6.60 2.94 -5.60
N HIS A 141 -5.96 2.32 -4.63
CA HIS A 141 -4.50 2.14 -4.70
C HIS A 141 -3.98 1.16 -5.81
N ARG A 142 -4.60 0.00 -5.98
CA ARG A 142 -4.18 -0.98 -7.01
C ARG A 142 -2.83 -1.66 -6.95
N ASP A 143 -2.13 -1.47 -5.85
CA ASP A 143 -0.82 -2.07 -5.66
C ASP A 143 -0.45 -2.24 -4.21
N ILE A 144 -1.40 -2.74 -3.43
CA ILE A 144 -1.18 -2.98 -2.02
C ILE A 144 -0.27 -4.19 -1.96
N LYS A 145 0.85 -4.02 -1.27
CA LYS A 145 1.77 -5.09 -1.01
C LYS A 145 2.77 -4.63 0.02
N ASP A 146 3.47 -5.59 0.63
CA ASP A 146 4.52 -5.34 1.61
C ASP A 146 5.51 -4.22 1.30
N GLU A 147 5.94 -4.06 0.06
CA GLU A 147 6.93 -3.00 -0.26
C GLU A 147 6.32 -1.61 -0.38
N ASN A 148 4.99 -1.54 -0.46
CA ASN A 148 4.30 -0.26 -0.42
C ASN A 148 3.71 0.04 0.95
N ILE A 149 4.26 -0.57 1.99
CA ILE A 149 3.84 -0.33 3.37
C ILE A 149 5.10 -0.05 4.21
N LEU A 150 5.17 1.16 4.78
CA LEU A 150 6.20 1.55 5.71
C LEU A 150 5.70 1.41 7.14
N ILE A 151 6.63 1.02 7.99
CA ILE A 151 6.46 0.87 9.42
C ILE A 151 7.29 1.99 10.08
N ASP A 152 6.63 2.87 10.80
CA ASP A 152 7.28 3.73 11.78
C ASP A 152 7.58 2.82 12.97
N LEU A 153 8.87 2.50 13.15
CA LEU A 153 9.28 1.52 14.16
C LEU A 153 9.06 1.95 15.60
N ASN A 154 8.96 3.25 15.86
CA ASN A 154 8.77 3.73 17.21
C ASN A 154 7.32 3.80 17.56
N ARG A 155 6.51 4.25 16.63
CA ARG A 155 5.07 4.41 16.92
C ARG A 155 4.16 3.17 16.64
N GLY A 156 4.71 2.19 15.94
CA GLY A 156 3.97 1.04 15.47
C GLY A 156 2.93 1.33 14.41
N GLU A 157 3.05 2.46 13.73
CA GLU A 157 2.04 2.90 12.77
C GLU A 157 2.52 2.59 11.35
N LEU A 158 1.68 1.88 10.60
CA LEU A 158 1.90 1.50 9.22
C LEU A 158 1.41 2.60 8.30
N LYS A 159 2.07 2.80 7.16
CA LYS A 159 1.71 3.90 6.26
C LYS A 159 1.88 3.54 4.79
N LEU A 160 0.87 3.82 3.98
CA LEU A 160 0.84 3.36 2.62
C LEU A 160 1.61 4.28 1.70
N ILE A 161 2.34 3.71 0.74
CA ILE A 161 3.00 4.49 -0.30
C ILE A 161 2.72 3.94 -1.70
N ASP A 162 3.05 4.75 -2.68
CA ASP A 162 3.02 4.42 -4.10
C ASP A 162 1.67 4.33 -4.79
N PHE A 163 1.21 5.52 -5.16
CA PHE A 163 0.02 5.66 -5.95
C PHE A 163 0.35 5.61 -7.45
N GLY A 164 -0.62 5.90 -8.30
CA GLY A 164 -0.49 5.62 -9.76
C GLY A 164 0.57 4.57 -10.08
N SER A 165 0.40 3.25 -10.00
CA SER A 165 -0.74 2.39 -10.39
C SER A 165 -2.20 2.67 -9.96
N GLY A 166 -2.37 3.50 -8.95
CA GLY A 166 -3.68 3.95 -8.50
C GLY A 166 -4.59 4.58 -9.53
N ALA A 167 -5.85 4.79 -9.12
CA ALA A 167 -6.89 5.38 -9.96
C ALA A 167 -8.02 5.91 -9.11
N LEU A 168 -8.88 6.68 -9.74
CA LEU A 168 -10.10 7.12 -9.09
C LEU A 168 -11.00 5.92 -8.93
N LEU A 169 -11.70 5.87 -7.81
CA LEU A 169 -12.58 4.77 -7.52
C LEU A 169 -13.84 4.99 -8.33
N LYS A 170 -14.39 3.89 -8.82
CA LYS A 170 -15.57 3.92 -9.64
C LYS A 170 -16.20 2.54 -9.53
N ASP A 171 -17.47 2.43 -9.87
CA ASP A 171 -18.24 1.21 -9.63
C ASP A 171 -18.34 0.36 -10.90
N THR A 172 -17.96 0.95 -12.05
CA THR A 172 -17.78 0.24 -13.30
C THR A 172 -16.48 -0.58 -13.25
N VAL A 173 -16.25 -1.29 -14.33
CA VAL A 173 -15.17 -2.23 -14.44
C VAL A 173 -13.90 -1.51 -14.85
N TYR A 174 -12.78 -2.10 -14.49
CA TYR A 174 -11.47 -1.61 -14.83
C TYR A 174 -10.98 -2.60 -15.85
N THR A 175 -10.39 -2.11 -16.92
CA THR A 175 -9.83 -2.99 -17.92
C THR A 175 -8.35 -2.74 -18.11
N ASP A 176 -7.73 -2.05 -17.15
CA ASP A 176 -6.31 -1.77 -17.17
C ASP A 176 -5.74 -2.11 -15.79
N PHE A 177 -4.50 -2.58 -15.77
CA PHE A 177 -3.81 -2.88 -14.53
C PHE A 177 -2.32 -2.78 -14.76
N ASP A 178 -1.64 -1.90 -14.04
CA ASP A 178 -0.22 -1.81 -14.15
C ASP A 178 0.33 -1.89 -12.75
N GLY A 179 -0.14 -2.89 -12.00
CA GLY A 179 0.33 -3.17 -10.65
C GLY A 179 1.15 -4.44 -10.69
N THR A 180 1.13 -5.19 -9.59
CA THR A 180 1.94 -6.38 -9.44
C THR A 180 1.19 -7.69 -9.77
N ARG A 181 1.70 -8.45 -10.74
CA ARG A 181 0.96 -9.61 -11.26
C ARG A 181 0.58 -10.57 -10.11
N VAL A 182 1.57 -10.97 -9.31
CA VAL A 182 1.37 -11.96 -8.24
C VAL A 182 0.34 -11.56 -7.17
N TYR A 183 0.01 -10.27 -7.13
CA TYR A 183 -1.06 -9.71 -6.25
C TYR A 183 -2.41 -9.44 -7.00
N SER A 184 -2.40 -9.67 -8.32
CA SER A 184 -3.58 -9.49 -9.17
C SER A 184 -4.48 -10.69 -9.07
N PRO A 185 -5.78 -10.46 -9.17
CA PRO A 185 -6.78 -11.48 -8.94
C PRO A 185 -7.10 -12.32 -10.14
N PRO A 186 -7.68 -13.49 -9.92
CA PRO A 186 -7.92 -14.37 -11.04
C PRO A 186 -8.72 -13.71 -12.19
N GLU A 187 -9.76 -12.94 -11.88
CA GLU A 187 -10.55 -12.28 -12.91
C GLU A 187 -9.72 -11.36 -13.83
N TRP A 188 -8.63 -10.78 -13.32
CA TRP A 188 -7.71 -10.01 -14.17
C TRP A 188 -6.91 -10.92 -15.10
N ILE A 189 -6.33 -11.97 -14.54
CA ILE A 189 -5.54 -12.97 -15.27
C ILE A 189 -6.32 -13.52 -16.46
N ARG A 190 -7.52 -14.04 -16.19
CA ARG A 190 -8.38 -14.69 -17.20
C ARG A 190 -9.00 -13.70 -18.16
N TYR A 191 -9.76 -12.75 -17.62
CA TYR A 191 -10.66 -11.89 -18.40
C TYR A 191 -10.20 -10.46 -18.72
N HIS A 192 -9.08 -10.00 -18.15
CA HIS A 192 -8.65 -8.57 -18.20
C HIS A 192 -9.78 -7.58 -17.79
N ARG A 193 -10.44 -7.87 -16.68
CA ARG A 193 -11.57 -7.12 -16.14
C ARG A 193 -11.60 -7.32 -14.63
N TYR A 194 -11.78 -6.24 -13.88
CA TYR A 194 -11.99 -6.35 -12.45
C TYR A 194 -12.74 -5.14 -11.91
N HIS A 195 -13.24 -5.27 -10.69
CA HIS A 195 -13.85 -4.16 -10.00
C HIS A 195 -12.95 -3.82 -8.81
N GLY A 196 -12.84 -2.53 -8.49
CA GLY A 196 -11.87 -2.00 -7.53
C GLY A 196 -11.81 -2.72 -6.22
N ARG A 197 -12.92 -2.75 -5.52
CA ARG A 197 -12.99 -3.22 -4.14
C ARG A 197 -12.66 -4.67 -4.00
N SER A 198 -13.28 -5.47 -4.83
CA SER A 198 -13.12 -6.93 -4.78
C SER A 198 -11.71 -7.33 -5.20
N ALA A 199 -11.11 -6.58 -6.10
CA ALA A 199 -9.73 -6.81 -6.48
C ALA A 199 -8.80 -6.38 -5.35
N ALA A 200 -9.14 -5.30 -4.65
CA ALA A 200 -8.43 -4.91 -3.41
C ALA A 200 -8.52 -6.03 -2.33
N VAL A 201 -9.69 -6.61 -2.16
CA VAL A 201 -9.80 -7.62 -1.16
C VAL A 201 -8.92 -8.80 -1.51
N TRP A 202 -8.87 -9.20 -2.79
CA TRP A 202 -7.96 -10.24 -3.20
C TRP A 202 -6.53 -9.96 -2.72
N SER A 203 -6.02 -8.79 -3.06
CA SER A 203 -4.65 -8.39 -2.74
C SER A 203 -4.36 -8.31 -1.22
N LEU A 204 -5.38 -7.95 -0.46
CA LEU A 204 -5.29 -8.05 0.96
C LEU A 204 -5.19 -9.50 1.41
N GLY A 205 -5.96 -10.38 0.78
CA GLY A 205 -5.76 -11.80 1.03
C GLY A 205 -4.31 -12.24 0.93
N ILE A 206 -3.64 -11.78 -0.12
CA ILE A 206 -2.26 -12.14 -0.43
C ILE A 206 -1.36 -11.50 0.62
N LEU A 207 -1.69 -10.25 0.94
CA LEU A 207 -0.98 -9.55 1.99
C LEU A 207 -1.05 -10.30 3.32
N LEU A 208 -2.23 -10.72 3.70
CA LEU A 208 -2.33 -11.38 4.98
C LEU A 208 -1.54 -12.69 4.96
N TYR A 209 -1.50 -13.38 3.83
CA TYR A 209 -0.83 -14.68 3.76
C TYR A 209 0.64 -14.40 3.91
N ASP A 210 1.12 -13.39 3.16
CA ASP A 210 2.51 -12.98 3.25
C ASP A 210 2.95 -12.76 4.70
N MET A 211 2.17 -11.97 5.42
CA MET A 211 2.45 -11.65 6.80
C MET A 211 2.60 -12.87 7.65
N VAL A 212 1.58 -13.70 7.72
CA VAL A 212 1.68 -14.88 8.58
C VAL A 212 2.50 -16.07 8.04
N CYS A 213 2.89 -16.06 6.77
CA CYS A 213 3.66 -17.18 6.20
C CYS A 213 5.10 -16.87 5.79
N GLY A 214 5.47 -15.59 5.73
CA GLY A 214 6.81 -15.17 5.32
C GLY A 214 6.97 -14.97 3.83
N ASP A 215 5.97 -15.34 3.05
CA ASP A 215 6.08 -15.32 1.62
C ASP A 215 4.67 -15.29 0.93
N ILE A 216 4.62 -14.92 -0.34
CA ILE A 216 3.37 -14.84 -1.06
C ILE A 216 2.90 -16.21 -1.51
N PRO A 217 1.57 -16.42 -1.55
CA PRO A 217 1.01 -17.76 -1.82
C PRO A 217 1.17 -18.24 -3.26
N PHE A 218 1.13 -17.37 -4.25
CA PHE A 218 1.15 -17.81 -5.64
C PHE A 218 2.29 -17.13 -6.31
N GLU A 219 2.98 -17.88 -7.17
CA GLU A 219 4.01 -17.33 -8.04
C GLU A 219 3.60 -17.25 -9.51
N HIS A 220 2.97 -18.29 -10.05
CA HIS A 220 2.53 -18.28 -11.47
C HIS A 220 1.02 -18.17 -11.65
N ASP A 221 0.65 -17.83 -12.88
CA ASP A 221 -0.74 -17.54 -13.22
C ASP A 221 -1.67 -18.70 -12.92
N GLU A 222 -1.18 -19.91 -13.09
CA GLU A 222 -2.00 -21.13 -13.01
C GLU A 222 -2.33 -21.39 -11.55
N GLU A 223 -1.42 -20.98 -10.68
CA GLU A 223 -1.65 -21.10 -9.24
C GLU A 223 -2.74 -20.14 -8.79
N ILE A 224 -2.71 -18.92 -9.32
CA ILE A 224 -3.75 -17.89 -9.08
C ILE A 224 -5.10 -18.40 -9.58
N ILE A 225 -5.15 -18.87 -10.83
CA ILE A 225 -6.42 -19.34 -11.44
C ILE A 225 -7.01 -20.48 -10.61
N ARG A 226 -6.14 -21.31 -10.05
CA ARG A 226 -6.55 -22.42 -9.26
C ARG A 226 -7.06 -21.94 -7.89
N GLY A 227 -6.38 -20.95 -7.30
CA GLY A 227 -6.84 -20.30 -6.09
C GLY A 227 -6.80 -21.18 -4.84
N GLN A 228 -5.78 -22.05 -4.78
CA GLN A 228 -5.66 -23.01 -3.69
C GLN A 228 -4.40 -22.76 -2.83
N VAL A 229 -4.61 -22.75 -1.51
CA VAL A 229 -3.67 -22.15 -0.58
C VAL A 229 -3.12 -23.23 0.33
N PHE A 230 -1.80 -23.41 0.35
CA PHE A 230 -1.20 -24.34 1.30
C PHE A 230 -0.46 -23.55 2.31
N PHE A 231 -0.47 -24.01 3.55
CA PHE A 231 0.25 -23.30 4.60
C PHE A 231 1.52 -24.02 4.98
N ARG A 232 2.67 -23.36 4.83
CA ARG A 232 3.97 -23.98 5.26
C ARG A 232 4.23 -23.78 6.76
N GLN A 233 3.52 -22.83 7.37
CA GLN A 233 3.64 -22.52 8.80
C GLN A 233 2.36 -22.76 9.62
N ARG A 234 2.55 -22.92 10.93
CA ARG A 234 1.41 -23.07 11.85
C ARG A 234 0.60 -21.80 11.84
N VAL A 235 -0.65 -21.86 11.34
CA VAL A 235 -1.53 -20.68 11.32
C VAL A 235 -2.89 -21.08 11.77
N SER A 236 -3.56 -20.20 12.49
CA SER A 236 -4.73 -20.60 13.23
C SER A 236 -5.82 -20.84 12.27
N SEP A 237 -6.80 -21.62 12.71
CA SEP A 237 -7.91 -22.06 11.86
CB SEP A 237 -8.73 -23.17 12.54
OG SEP A 237 -7.91 -24.32 12.94
C SEP A 237 -8.67 -20.83 11.45
O SEP A 237 -9.00 -20.68 10.27
P SEP A 237 -7.51 -24.74 14.51
O1P SEP A 237 -8.91 -24.89 15.11
O2P SEP A 237 -6.65 -26.01 14.60
O3P SEP A 237 -6.64 -23.54 14.98
N GLU A 238 -8.84 -19.89 12.36
CA GLU A 238 -9.56 -18.66 12.06
C GLU A 238 -8.77 -17.76 11.08
N CYS A 239 -7.44 -17.76 11.16
CA CYS A 239 -6.67 -16.93 10.25
C CYS A 239 -6.65 -17.55 8.85
N GLN A 240 -6.51 -18.87 8.78
CA GLN A 240 -6.64 -19.56 7.47
C GLN A 240 -7.99 -19.27 6.79
N HIS A 241 -9.07 -19.18 7.57
CA HIS A 241 -10.41 -18.94 7.02
C HIS A 241 -10.51 -17.60 6.32
N LEU A 242 -10.17 -16.56 7.08
CA LEU A 242 -10.14 -15.20 6.58
C LEU A 242 -9.30 -15.09 5.30
N ILE A 243 -8.14 -15.74 5.29
CA ILE A 243 -7.27 -15.66 4.12
C ILE A 243 -7.98 -16.25 2.90
N ARG A 244 -8.53 -17.43 3.07
CA ARG A 244 -9.25 -18.12 1.97
C ARG A 244 -10.50 -17.41 1.50
N TRP A 245 -11.13 -16.65 2.40
CA TRP A 245 -12.33 -15.94 2.09
C TRP A 245 -12.02 -14.74 1.19
N CYS A 246 -10.96 -14.00 1.55
CA CYS A 246 -10.38 -12.91 0.72
C CYS A 246 -9.87 -13.41 -0.63
N LEU A 247 -9.34 -14.63 -0.64
CA LEU A 247 -8.84 -15.22 -1.87
C LEU A 247 -9.86 -16.08 -2.57
N ALA A 248 -11.15 -15.90 -2.28
CA ALA A 248 -12.22 -16.53 -3.08
C ALA A 248 -12.14 -16.14 -4.55
N LEU A 249 -12.19 -17.15 -5.41
CA LEU A 249 -12.05 -16.98 -6.88
C LEU A 249 -13.11 -16.09 -7.53
N ARG A 250 -14.35 -16.28 -7.15
CA ARG A 250 -15.43 -15.46 -7.60
C ARG A 250 -15.43 -14.22 -6.75
N PRO A 251 -15.33 -13.03 -7.38
CA PRO A 251 -15.31 -11.76 -6.62
C PRO A 251 -16.45 -11.54 -5.62
N SER A 252 -17.65 -11.97 -5.97
CA SER A 252 -18.82 -11.79 -5.08
C SER A 252 -18.83 -12.78 -3.87
N ASP A 253 -17.97 -13.80 -3.89
CA ASP A 253 -17.75 -14.63 -2.70
C ASP A 253 -16.75 -14.02 -1.70
N ARG A 254 -16.10 -12.93 -2.06
CA ARG A 254 -15.14 -12.27 -1.23
C ARG A 254 -15.84 -11.38 -0.24
N PRO A 255 -15.22 -11.17 0.91
CA PRO A 255 -15.82 -10.28 1.88
C PRO A 255 -15.69 -8.84 1.53
N THR A 256 -16.54 -8.04 2.15
CA THR A 256 -16.41 -6.58 2.21
C THR A 256 -15.41 -6.21 3.30
N PHE A 257 -14.98 -4.96 3.32
CA PHE A 257 -14.08 -4.51 4.36
C PHE A 257 -14.72 -4.65 5.72
N GLU A 258 -15.99 -4.32 5.82
CA GLU A 258 -16.74 -4.51 7.06
C GLU A 258 -16.65 -5.96 7.47
N GLU A 259 -17.00 -6.86 6.56
CA GLU A 259 -16.96 -8.28 6.90
C GLU A 259 -15.60 -8.76 7.37
N ILE A 260 -14.55 -8.19 6.78
CA ILE A 260 -13.16 -8.48 7.16
C ILE A 260 -12.93 -8.01 8.56
N GLN A 261 -13.27 -6.76 8.80
CA GLN A 261 -13.02 -6.18 10.09
C GLN A 261 -13.91 -6.72 11.21
N ASN A 262 -15.04 -7.35 10.87
CA ASN A 262 -15.82 -8.11 11.87
C ASN A 262 -15.54 -9.58 11.90
N HIS A 263 -14.52 -10.05 11.19
CA HIS A 263 -14.24 -11.45 11.20
C HIS A 263 -13.62 -11.83 12.59
N PRO A 264 -13.95 -13.02 13.16
CA PRO A 264 -13.44 -13.38 14.49
C PRO A 264 -11.93 -13.15 14.72
N TRP A 265 -11.10 -13.52 13.75
CA TRP A 265 -9.66 -13.25 13.77
C TRP A 265 -9.25 -11.79 13.89
N MET A 266 -10.11 -10.85 13.54
CA MET A 266 -9.77 -9.42 13.65
C MET A 266 -10.20 -8.79 14.98
N GLN A 267 -10.44 -9.62 16.01
CA GLN A 267 -10.96 -9.18 17.33
C GLN A 267 -9.85 -8.81 18.31
N ASP A 268 -10.10 -7.75 19.10
CA ASP A 268 -9.15 -7.27 20.11
C ASP A 268 -7.80 -6.96 19.54
N VAL A 269 -7.77 -6.28 18.40
CA VAL A 269 -6.52 -5.80 17.82
C VAL A 269 -5.81 -4.92 18.83
N LEU A 270 -4.48 -4.99 18.85
CA LEU A 270 -3.69 -4.04 19.62
C LEU A 270 -3.63 -2.69 18.91
N LEU A 271 -3.57 -1.61 19.71
CA LEU A 271 -3.28 -0.26 19.21
C LEU A 271 -1.81 -0.17 18.74
N PRO A 272 -1.46 0.84 17.92
CA PRO A 272 -0.10 0.84 17.37
C PRO A 272 0.97 0.93 18.40
N GLN A 273 0.79 1.84 19.37
CA GLN A 273 1.77 2.07 20.45
C GLN A 273 2.21 0.76 21.09
N GLU A 274 1.21 0.01 21.56
CA GLU A 274 1.48 -1.22 22.32
C GLU A 274 2.03 -2.34 21.47
N THR A 275 1.70 -2.30 20.19
CA THR A 275 2.26 -3.20 19.21
C THR A 275 3.77 -3.02 19.16
N ALA A 276 4.21 -1.76 19.14
CA ALA A 276 5.62 -1.47 19.03
C ALA A 276 6.35 -1.86 20.32
N GLU A 277 5.76 -1.53 21.49
CA GLU A 277 6.28 -1.94 22.81
C GLU A 277 6.63 -3.43 22.81
N ILE A 278 5.58 -4.24 22.62
CA ILE A 278 5.65 -5.71 22.54
C ILE A 278 6.53 -6.25 21.38
N HIS A 279 6.40 -5.72 20.17
CA HIS A 279 7.01 -6.33 18.98
C HIS A 279 8.15 -5.58 18.29
N LEU A 280 8.31 -4.29 18.50
CA LEU A 280 9.37 -3.54 17.77
C LEU A 280 10.50 -2.93 18.66
N HIS A 281 10.19 -2.53 19.90
CA HIS A 281 11.23 -2.26 20.93
C HIS A 281 11.53 -3.61 21.59
C39 RTX B . 13.09 1.78 3.66
C36 RTX B . 12.84 2.12 2.17
N33 RTX B . 12.64 0.91 1.32
C37 RTX B . 13.74 0.28 0.53
C45 RTX B . 13.67 -0.02 -1.03
C30 RTX B . 11.41 1.11 0.46
C27 RTX B . 11.54 2.18 -0.69
C24 RTX B . 10.85 3.43 -0.20
C1 RTX B . 10.83 4.55 -1.26
N2 RTX B . 9.50 5.38 -1.15
C11 RTX B . 9.31 6.20 -0.06
C12 RTX B . 10.03 6.15 1.13
C13 RTX B . 9.78 6.98 2.20
CL1 RTX B . 10.69 6.79 3.51
C14 RTX B . 8.83 7.94 2.15
C15 RTX B . 8.10 8.04 0.98
C10 RTX B . 8.32 7.19 -0.11
O9 RTX B . 7.55 7.36 -1.22
C8 RTX B . 7.55 6.42 -2.15
C3 RTX B . 8.52 5.39 -2.14
C4 RTX B . 8.43 4.44 -3.20
C5 RTX B . 7.43 4.51 -4.18
C6 RTX B . 6.48 5.54 -4.15
C7 RTX B . 6.54 6.50 -3.13
#